data_4FAR
#
_entry.id   4FAR
#
_cell.length_a   89.666
_cell.length_b   95.157
_cell.length_c   226.112
_cell.angle_alpha   90.00
_cell.angle_beta   90.00
_cell.angle_gamma   90.00
#
_symmetry.space_group_name_H-M   'P 21 21 21'
#
loop_
_entity.id
_entity.type
_entity.pdbx_description
1 polymer 'Group IIC intron'
2 polymer 'Group IIC intron'
3 non-polymer 'MAGNESIUM ION'
4 non-polymer 'POTASSIUM ION'
5 non-polymer '4-(2-HYDROXYETHYL)-1-PIPERAZINE ETHANESULFONIC ACID'
6 non-polymer SPERMINE
7 water water
#
loop_
_entity_poly.entity_id
_entity_poly.type
_entity_poly.pdbx_seq_one_letter_code
_entity_poly.pdbx_strand_id
1 'polyribonucleotide'
;GUGUGCCCGGCAUGGGUGCAGUCUAUAGGGUGAGAGUCCCGAACUGUGAAGGCAGAAGUAACAGUUAGCCUAACGCAAGG
GUGUCCGUGGCGACAUGGAAUCUGAAGGAAGCGGACGGCAAACCUUCGGUCUGAGGAACACGAACUUCAUAUGAGGCUAG
GUAUCAAUGGAUGAGUUUGCAUAACAAAACAAAGUCCUUUCUGCCAAAGUUGGUACAGAGUAAAUGAAGCAGAUUGAUGA
AGGGAAAGACUGCAUUCUUACCCGGGGAGGUCUGGAAACAGAAGUCAGCAGAAGUCAUAGUACCCUGUUCGCAGGGGAAG
GACGGAACAAGUAUGGCGUUCGCGCCUAAGCUUGAACCGCCGUAUACCGAACGGUACGUACGGUGGUGUG
;
A
2 'polyribonucleotide' GGGGUUAU B
#
loop_
_chem_comp.id
_chem_comp.type
_chem_comp.name
_chem_comp.formula
A RNA linking ADENOSINE-5'-MONOPHOSPHATE 'C10 H14 N5 O7 P'
C RNA linking CYTIDINE-5'-MONOPHOSPHATE 'C9 H14 N3 O8 P'
EPE non-polymer '4-(2-HYDROXYETHYL)-1-PIPERAZINE ETHANESULFONIC ACID' 'C8 H18 N2 O4 S'
G RNA linking GUANOSINE-5'-MONOPHOSPHATE 'C10 H14 N5 O8 P'
K non-polymer 'POTASSIUM ION' 'K 1'
MG non-polymer 'MAGNESIUM ION' 'Mg 2'
SPM non-polymer SPERMINE 'C10 H26 N4'
U RNA linking URIDINE-5'-MONOPHOSPHATE 'C9 H13 N2 O9 P'
#
# COMPACT_ATOMS: atom_id res chain seq x y z
MG MG C . 15.97 -25.26 -1.34
MG MG D . 27.59 -17.64 0.29
MG MG E . 17.95 -34.85 10.41
MG MG F . 10.68 -20.27 11.09
MG MG G . 5.72 -20.23 5.26
MG MG H . -20.55 12.71 0.69
MG MG I . 36.45 -33.70 12.37
MG MG J . -21.77 12.54 -14.41
MG MG K . 14.90 -3.59 0.27
MG MG L . 3.04 -16.82 5.97
MG MG M . -11.29 -3.34 0.54
MG MG N . -5.48 -10.10 -12.08
MG MG O . 16.09 -0.42 -6.98
MG MG P . 1.27 -32.34 2.45
MG MG Q . -8.87 19.02 1.30
MG MG R . 38.52 -4.72 -1.31
MG MG S . 1.90 -31.50 -15.01
MG MG T . 22.86 -11.85 10.99
MG MG U . -23.99 -10.92 -18.22
MG MG V . -4.77 -14.77 -3.23
MG MG W . -7.59 13.40 1.41
MG MG X . -10.67 -37.76 -11.98
MG MG Y . 32.81 -12.53 0.47
MG MG Z . 27.21 -33.28 7.38
MG MG AA . 17.15 -26.75 13.96
K K BA . 35.78 -4.13 9.71
MG MG CA . 44.07 -7.02 4.93
MG MG DA . 2.48 -40.02 19.76
MG MG EA . -13.89 -0.16 5.72
MG MG FA . 18.55 2.79 22.65
MG MG GA . 13.28 -22.00 0.03
K K HA . 17.67 -13.38 -0.38
K K IA . 59.46 -19.60 -0.77
K K JA . -20.21 19.27 5.77
K K KA . 27.36 1.73 -9.77
K K LA . 30.51 -3.06 9.49
K K MA . -26.23 -10.08 -5.37
K K NA . 44.49 -1.91 -12.63
K K OA . 20.17 -17.06 -1.85
K K PA . -30.67 16.96 23.12
K K QA . 16.60 -25.70 2.84
K K RA . 21.74 -50.61 14.79
K K SA . 55.89 -2.24 -12.14
K K TA . 35.98 -19.86 17.00
K K UA . 11.02 7.54 18.80
K K VA . 46.65 -15.57 10.01
C10 EPE WA . 9.74 7.69 -0.15
S EPE WA . 8.96 8.20 -1.55
O1S EPE WA . 7.78 7.45 -1.92
O2S EPE WA . 9.21 9.48 -2.22
O3S EPE WA . 7.99 9.15 -0.62
K K XA . 55.91 -18.06 2.97
C10 EPE YA . -3.92 10.44 -6.74
S EPE YA . -4.64 8.93 -6.77
O1S EPE YA . -4.31 7.86 -7.69
O2S EPE YA . -5.53 8.59 -5.64
O3S EPE YA . -3.29 8.48 -5.94
K K ZA . 23.44 -5.35 17.02
K K AB . -20.02 13.73 -17.11
N1 SPM BB . -21.60 0.24 -25.05
C2 SPM BB . -21.42 1.35 -24.11
C3 SPM BB . -20.37 2.34 -24.66
C4 SPM BB . -19.86 3.33 -23.59
N5 SPM BB . -18.43 3.66 -23.66
C6 SPM BB . -17.51 3.76 -22.51
C7 SPM BB . -17.05 5.16 -22.01
C8 SPM BB . -16.23 6.09 -22.96
C9 SPM BB . -15.30 7.17 -22.32
N10 SPM BB . -15.89 8.34 -21.63
C11 SPM BB . -15.44 9.76 -21.60
C12 SPM BB . -16.37 10.80 -22.31
C13 SPM BB . -17.27 10.08 -23.38
N14 SPM BB . -18.00 10.85 -24.41
N1 SPM CB . -23.59 22.33 11.69
C2 SPM CB . -22.43 22.34 12.56
C3 SPM CB . -22.80 22.65 14.02
C4 SPM CB . -23.05 24.15 14.30
N5 SPM CB . -24.15 24.75 13.52
C6 SPM CB . -25.37 25.37 14.08
C7 SPM CB . -25.28 26.82 14.59
C8 SPM CB . -25.36 27.00 16.13
C9 SPM CB . -26.71 27.45 16.75
N10 SPM CB . -27.44 26.36 17.41
C11 SPM CB . -28.82 26.54 17.84
C12 SPM CB . -29.80 25.49 17.31
C13 SPM CB . -31.16 25.55 18.03
N14 SPM CB . -31.60 24.24 18.54
N1 EPE DB . -25.27 3.76 9.36
C2 EPE DB . -25.00 5.14 8.90
C3 EPE DB . -26.29 5.96 8.78
N4 EPE DB . -27.26 5.57 9.82
C5 EPE DB . -26.56 5.09 11.03
C6 EPE DB . -25.81 3.79 10.74
C9 EPE DB . -24.04 2.90 9.23
C10 EPE DB . -24.10 1.62 10.08
S EPE DB . -22.88 0.45 9.91
O1S EPE DB . -22.04 0.51 8.76
O2S EPE DB . -22.68 -0.37 11.11
O3S EPE DB . -21.90 1.53 10.66
S EPE EB . 38.52 -1.78 -10.29
O1S EPE EB . 38.85 -1.21 -11.56
O2S EPE EB . 37.30 -1.10 -9.90
O3S EPE EB . 39.79 -1.44 -9.31
S EPE FB . 22.85 2.29 -14.05
O1S EPE FB . 22.33 1.36 -15.04
O2S EPE FB . 23.88 1.64 -13.23
O3S EPE FB . 21.51 2.81 -13.26
#